data_5XT8
#
_entry.id   5XT8
#
_cell.length_a   39.620
_cell.length_b   80.720
_cell.length_c   122.790
_cell.angle_alpha   90.000
_cell.angle_beta   90.000
_cell.angle_gamma   90.000
#
_symmetry.space_group_name_H-M   'P 21 21 21'
#
loop_
_entity.id
_entity.type
_entity.pdbx_description
1 polymer 'Thymidylate kinase'
2 non-polymer 'MAGNESIUM ION'
3 non-polymer 'CHLORIDE ION'
4 non-polymer 1,2-ETHANEDIOL
5 water water
#
_entity_poly.entity_id   1
_entity_poly.type   'polypeptide(L)'
_entity_poly.pdbx_seq_one_letter_code
;MPGLFLTLEGLDGSGKTTQARRLAAFLEAQGRPVLLTREPGGGLPEVRSLLLTQELSPEAEYLLFSADRAEHVRKVILPG
LAAGKVVISDRYLDSSLAYQGYGRGLPLPWLREVAREATRGLKPRLTFLLDLPPEAALRRVRRPDRLEGLGLEFFRRVRE
GYLALARAEPGRFVVLDATLPEEEIARAIQAHLRPLLP
;
_entity_poly.pdbx_strand_id   A,B
#
loop_
_chem_comp.id
_chem_comp.type
_chem_comp.name
_chem_comp.formula
CL non-polymer 'CHLORIDE ION' 'Cl -1'
EDO non-polymer 1,2-ETHANEDIOL 'C2 H6 O2'
MG non-polymer 'MAGNESIUM ION' 'Mg 2'
#
# COMPACT_ATOMS: atom_id res chain seq x y z
N PRO A 2 -20.32 6.08 22.91
CA PRO A 2 -19.87 6.72 21.68
C PRO A 2 -18.37 7.01 21.77
N GLY A 3 -17.60 6.61 20.77
CA GLY A 3 -16.17 6.83 20.84
C GLY A 3 -15.85 8.23 20.36
N LEU A 4 -14.58 8.62 20.48
CA LEU A 4 -14.11 9.87 19.93
C LEU A 4 -12.71 9.65 19.36
N PHE A 5 -12.52 10.05 18.11
CA PHE A 5 -11.29 9.87 17.39
C PHE A 5 -10.60 11.19 17.30
N LEU A 6 -9.44 11.26 17.93
CA LEU A 6 -8.60 12.45 17.93
C LEU A 6 -7.26 12.11 17.37
N THR A 7 -6.67 13.06 16.62
CA THR A 7 -5.30 12.87 16.17
C THR A 7 -4.46 14.06 16.53
N LEU A 8 -3.15 13.82 16.52
CA LEU A 8 -2.15 14.85 16.69
C LEU A 8 -1.17 14.76 15.51
N GLU A 9 -0.67 15.91 15.07
CA GLU A 9 0.16 16.02 13.85
C GLU A 9 1.23 17.11 14.08
N GLY A 10 2.22 17.11 13.21
CA GLY A 10 3.31 18.09 13.27
C GLY A 10 4.61 17.43 12.94
N LEU A 11 5.62 18.25 12.72
CA LEU A 11 6.96 17.75 12.54
C LEU A 11 7.46 17.04 13.78
N ASP A 12 8.39 16.09 13.58
CA ASP A 12 9.06 15.46 14.73
C ASP A 12 9.76 16.58 15.54
N GLY A 13 9.58 16.56 16.84
CA GLY A 13 10.11 17.62 17.69
C GLY A 13 9.11 18.68 18.07
N SER A 14 7.99 18.73 17.35
CA SER A 14 6.92 19.65 17.61
C SER A 14 6.29 19.52 18.95
N GLY A 15 6.34 18.33 19.59
CA GLY A 15 5.68 18.08 20.83
C GLY A 15 4.42 17.22 20.68
N LYS A 16 4.01 16.83 19.46
CA LYS A 16 2.80 16.09 19.31
C LYS A 16 2.82 14.77 20.07
N THR A 17 3.98 14.11 20.15
CA THR A 17 4.10 12.85 20.83
C THR A 17 3.87 13.08 22.32
N THR A 18 4.53 14.09 22.88
CA THR A 18 4.36 14.45 24.27
C THR A 18 2.89 14.80 24.63
N GLN A 19 2.25 15.63 23.78
CA GLN A 19 0.92 16.07 24.05
C GLN A 19 -0.12 14.90 23.92
N ALA A 20 0.11 13.99 22.99
CA ALA A 20 -0.69 12.80 22.80
C ALA A 20 -0.66 11.97 24.12
N ARG A 21 0.57 11.79 24.67
CA ARG A 21 0.72 11.04 25.91
C ARG A 21 0.02 11.75 27.09
N ARG A 22 0.24 13.05 27.20
CA ARG A 22 -0.35 13.77 28.28
C ARG A 22 -1.84 13.75 28.23
N LEU A 23 -2.39 13.84 27.01
CA LEU A 23 -3.84 13.86 26.85
C LEU A 23 -4.39 12.54 27.29
N ALA A 24 -3.71 11.45 26.91
CA ALA A 24 -4.15 10.11 27.34
C ALA A 24 -4.22 10.01 28.86
N ALA A 25 -3.15 10.42 29.49
CA ALA A 25 -3.04 10.37 30.93
C ALA A 25 -4.11 11.25 31.61
N PHE A 26 -4.35 12.42 31.06
CA PHE A 26 -5.45 13.28 31.56
C PHE A 26 -6.80 12.54 31.53
N LEU A 27 -7.13 11.95 30.39
CA LEU A 27 -8.43 11.31 30.25
C LEU A 27 -8.52 10.07 31.16
N GLU A 28 -7.44 9.33 31.27
CA GLU A 28 -7.39 8.23 32.21
C GLU A 28 -7.64 8.72 33.62
N ALA A 29 -7.08 9.87 34.00
CA ALA A 29 -7.32 10.40 35.33
C ALA A 29 -8.80 10.75 35.53
N GLN A 30 -9.56 11.07 34.47
CA GLN A 30 -10.99 11.35 34.55
C GLN A 30 -11.86 10.13 34.43
N GLY A 31 -11.26 8.93 34.43
CA GLY A 31 -12.02 7.71 34.39
C GLY A 31 -12.46 7.35 32.98
N ARG A 32 -11.96 8.02 31.93
CA ARG A 32 -12.42 7.70 30.58
C ARG A 32 -11.57 6.64 29.87
N PRO A 33 -12.19 5.64 29.25
CA PRO A 33 -11.33 4.66 28.52
C PRO A 33 -10.63 5.33 27.35
N VAL A 34 -9.35 5.07 27.19
CA VAL A 34 -8.53 5.68 26.13
C VAL A 34 -7.75 4.61 25.40
N LEU A 35 -7.59 4.78 24.10
CA LEU A 35 -6.64 4.00 23.35
C LEU A 35 -5.60 4.96 22.73
N LEU A 36 -4.37 4.91 23.21
CA LEU A 36 -3.29 5.75 22.67
C LEU A 36 -2.51 4.96 21.64
N THR A 37 -2.47 5.44 20.41
CA THR A 37 -1.82 4.66 19.33
C THR A 37 -1.00 5.64 18.42
N ARG A 38 -0.48 5.16 17.31
CA ARG A 38 0.35 5.98 16.46
C ARG A 38 0.56 5.29 15.12
N GLU A 39 0.94 6.10 14.15
CA GLU A 39 1.39 5.68 12.85
C GLU A 39 2.80 6.27 12.62
N PRO A 40 3.67 5.58 11.89
CA PRO A 40 3.36 4.28 11.32
C PRO A 40 3.55 3.17 12.33
N GLY A 41 2.91 2.04 12.14
CA GLY A 41 3.17 0.84 12.96
C GLY A 41 1.99 0.37 13.81
N GLY A 42 0.99 1.23 14.03
CA GLY A 42 -0.22 0.88 14.78
C GLY A 42 -1.07 -0.26 14.18
N GLY A 43 -1.00 -0.41 12.86
CA GLY A 43 -1.67 -1.47 12.15
C GLY A 43 -0.79 -2.66 11.91
N LEU A 44 0.34 -2.42 11.27
CA LEU A 44 1.36 -3.44 10.96
C LEU A 44 2.71 -2.98 11.47
N PRO A 45 3.10 -3.42 12.66
CA PRO A 45 4.40 -2.96 13.23
C PRO A 45 5.64 -3.19 12.32
N GLU A 46 5.58 -4.19 11.46
CA GLU A 46 6.69 -4.53 10.59
C GLU A 46 6.88 -3.52 9.47
N VAL A 47 5.86 -2.69 9.23
CA VAL A 47 6.00 -1.59 8.27
C VAL A 47 7.08 -0.60 8.73
N ARG A 48 7.27 -0.44 10.04
CA ARG A 48 8.38 0.41 10.55
C ARG A 48 9.76 -0.09 10.09
N SER A 49 9.95 -1.39 10.02
CA SER A 49 11.15 -1.98 9.45
C SER A 49 11.23 -1.85 7.91
N LEU A 50 10.15 -2.22 7.24
CA LEU A 50 10.07 -2.14 5.77
C LEU A 50 10.27 -0.72 5.23
N LEU A 51 9.99 0.30 6.06
CA LEU A 51 10.22 1.71 5.71
C LEU A 51 11.72 2.15 5.74
N LEU A 52 12.64 1.19 5.98
CA LEU A 52 14.12 1.42 5.98
C LEU A 52 14.81 0.63 4.84
N THR A 53 14.05 0.38 3.78
CA THR A 53 14.51 -0.24 2.57
C THR A 53 15.19 0.83 1.71
N GLN A 54 16.32 0.48 1.11
CA GLN A 54 17.19 1.47 0.47
C GLN A 54 16.54 2.03 -0.80
N GLU A 55 16.60 3.35 -0.99
CA GLU A 55 16.08 4.03 -2.20
C GLU A 55 14.60 3.61 -2.55
N LEU A 56 13.81 3.28 -1.50
CA LEU A 56 12.42 2.90 -1.63
C LEU A 56 11.66 3.99 -2.35
N SER A 57 10.97 3.66 -3.45
CA SER A 57 10.21 4.66 -4.15
C SER A 57 9.17 5.33 -3.23
N PRO A 58 8.88 6.61 -3.45
CA PRO A 58 7.83 7.33 -2.68
C PRO A 58 6.49 6.64 -2.80
N GLU A 59 6.19 6.14 -4.00
CA GLU A 59 4.96 5.38 -4.22
C GLU A 59 4.87 4.18 -3.29
N ALA A 60 5.90 3.35 -3.27
CA ALA A 60 5.87 2.15 -2.42
C ALA A 60 5.84 2.53 -0.92
N GLU A 61 6.56 3.58 -0.54
CA GLU A 61 6.52 4.15 0.81
C GLU A 61 5.08 4.52 1.20
N TYR A 62 4.40 5.30 0.35
CA TYR A 62 2.99 5.63 0.62
C TYR A 62 2.10 4.40 0.72
N LEU A 63 2.33 3.43 -0.15
CA LEU A 63 1.47 2.25 -0.17
C LEU A 63 1.67 1.38 1.08
N LEU A 64 2.90 1.29 1.57
CA LEU A 64 3.22 0.59 2.79
C LEU A 64 2.58 1.26 3.99
N PHE A 65 2.67 2.58 4.04
CA PHE A 65 1.97 3.43 5.08
C PHE A 65 0.47 3.17 5.00
N SER A 66 -0.07 3.10 3.76
CA SER A 66 -1.48 2.85 3.57
C SER A 66 -1.94 1.49 4.04
N ALA A 67 -1.17 0.44 3.75
CA ALA A 67 -1.44 -0.92 4.27
C ALA A 67 -1.47 -0.95 5.79
N ASP A 68 -0.50 -0.30 6.38
CA ASP A 68 -0.43 -0.18 7.82
C ASP A 68 -1.68 0.57 8.33
N ARG A 69 -1.99 1.71 7.73
CA ARG A 69 -3.17 2.50 8.12
C ARG A 69 -4.48 1.72 7.96
N ALA A 70 -4.62 0.92 6.90
CA ALA A 70 -5.80 0.11 6.67
C ALA A 70 -6.04 -0.90 7.77
N GLU A 71 -4.99 -1.57 8.22
CA GLU A 71 -5.11 -2.44 9.37
C GLU A 71 -5.37 -1.65 10.64
N HIS A 72 -4.73 -0.48 10.74
CA HIS A 72 -4.79 0.38 11.91
C HIS A 72 -6.26 0.76 12.17
N VAL A 73 -6.92 1.22 11.12
CA VAL A 73 -8.35 1.61 11.16
C VAL A 73 -9.23 0.39 11.48
N ARG A 74 -9.03 -0.70 10.76
CA ARG A 74 -9.94 -1.83 10.88
C ARG A 74 -9.75 -2.61 12.20
N LYS A 75 -8.52 -2.79 12.67
CA LYS A 75 -8.23 -3.63 13.80
C LYS A 75 -8.07 -2.87 15.10
N VAL A 76 -7.73 -1.59 15.04
CA VAL A 76 -7.40 -0.83 16.28
C VAL A 76 -8.37 0.30 16.51
N ILE A 77 -8.45 1.18 15.55
CA ILE A 77 -9.24 2.38 15.75
C ILE A 77 -10.76 2.13 15.75
N LEU A 78 -11.32 1.57 14.65
CA LEU A 78 -12.78 1.40 14.60
C LEU A 78 -13.35 0.55 15.78
N PRO A 79 -12.69 -0.57 16.15
CA PRO A 79 -13.11 -1.33 17.34
C PRO A 79 -13.02 -0.54 18.62
N GLY A 80 -12.02 0.34 18.74
CA GLY A 80 -11.92 1.15 19.96
C GLY A 80 -13.05 2.14 20.08
N LEU A 81 -13.36 2.77 18.93
CA LEU A 81 -14.49 3.68 18.83
C LEU A 81 -15.84 2.98 19.16
N ALA A 82 -16.10 1.85 18.51
CA ALA A 82 -17.33 1.08 18.78
C ALA A 82 -17.37 0.67 20.24
N ALA A 83 -16.22 0.46 20.86
CA ALA A 83 -16.19 0.22 22.29
C ALA A 83 -16.32 1.48 23.20
N GLY A 84 -16.60 2.66 22.65
CA GLY A 84 -16.69 3.94 23.44
C GLY A 84 -15.37 4.58 23.89
N LYS A 85 -14.22 4.12 23.40
CA LYS A 85 -12.95 4.71 23.85
C LYS A 85 -12.64 6.05 23.12
N VAL A 86 -11.83 6.90 23.75
CA VAL A 86 -11.22 8.02 23.06
C VAL A 86 -9.99 7.46 22.47
N VAL A 87 -9.94 7.38 21.15
CA VAL A 87 -8.80 6.76 20.46
C VAL A 87 -7.95 7.96 19.99
N ILE A 88 -6.74 8.03 20.45
CA ILE A 88 -5.81 9.11 20.12
C ILE A 88 -4.68 8.57 19.30
N SER A 89 -4.52 9.00 18.05
CA SER A 89 -3.38 8.58 17.23
C SER A 89 -2.39 9.71 17.04
N ASP A 90 -1.16 9.41 17.45
CA ASP A 90 0.01 10.26 17.12
C ASP A 90 0.33 9.96 15.64
N ARG A 91 -0.12 10.84 14.74
CA ARG A 91 -0.08 10.74 13.23
C ARG A 91 -1.21 9.89 12.66
N TYR A 92 -1.76 10.37 11.55
CA TYR A 92 -2.78 9.67 10.80
C TYR A 92 -2.63 10.04 9.30
N LEU A 93 -3.70 10.03 8.50
CA LEU A 93 -3.67 10.34 7.06
C LEU A 93 -2.99 11.66 6.79
N ASP A 94 -3.21 12.68 7.64
CA ASP A 94 -2.63 13.94 7.35
C ASP A 94 -1.08 13.87 7.19
N SER A 95 -0.45 13.01 7.96
CA SER A 95 1.01 12.87 7.91
C SER A 95 1.40 12.37 6.56
N SER A 96 0.65 11.41 6.02
CA SER A 96 0.99 10.93 4.68
C SER A 96 0.79 12.04 3.61
N LEU A 97 -0.28 12.85 3.73
CA LEU A 97 -0.50 13.91 2.76
C LEU A 97 0.58 14.98 2.88
N ALA A 98 0.93 15.35 4.11
CA ALA A 98 2.00 16.36 4.33
C ALA A 98 3.38 15.87 3.86
N TYR A 99 3.79 14.70 4.32
CA TYR A 99 5.13 14.19 4.06
C TYR A 99 5.26 13.62 2.66
N GLN A 100 4.31 12.81 2.21
CA GLN A 100 4.49 12.09 0.89
C GLN A 100 3.89 12.92 -0.26
N GLY A 101 2.87 13.70 0.05
CA GLY A 101 2.24 14.65 -0.93
C GLY A 101 3.08 15.88 -1.08
N TYR A 102 2.99 16.77 -0.10
CA TYR A 102 3.64 18.05 -0.18
C TYR A 102 5.11 17.92 -0.09
N GLY A 103 5.57 16.99 0.76
CA GLY A 103 6.97 16.74 0.92
C GLY A 103 7.59 16.11 -0.35
N ARG A 104 7.22 14.86 -0.60
CA ARG A 104 7.87 14.07 -1.64
C ARG A 104 7.31 14.35 -2.99
N GLY A 105 6.17 15.05 -3.09
CA GLY A 105 5.61 15.43 -4.38
C GLY A 105 4.69 14.42 -5.00
N LEU A 106 4.28 13.34 -4.31
CA LEU A 106 3.17 12.51 -4.85
C LEU A 106 1.86 13.32 -5.09
N PRO A 107 1.16 13.01 -6.21
CA PRO A 107 -0.06 13.75 -6.52
C PRO A 107 -1.12 13.51 -5.46
N LEU A 108 -1.65 14.61 -4.92
CA LEU A 108 -2.61 14.55 -3.85
C LEU A 108 -3.90 13.86 -4.17
N PRO A 109 -4.49 14.10 -5.39
CA PRO A 109 -5.69 13.32 -5.73
C PRO A 109 -5.48 11.80 -5.65
N TRP A 110 -4.31 11.31 -6.04
CA TRP A 110 -4.04 9.86 -5.96
C TRP A 110 -3.93 9.41 -4.52
N LEU A 111 -3.18 10.17 -3.73
CA LEU A 111 -3.13 9.88 -2.29
C LEU A 111 -4.55 9.72 -1.72
N ARG A 112 -5.46 10.63 -2.08
CA ARG A 112 -6.82 10.62 -1.49
C ARG A 112 -7.66 9.48 -2.05
N GLU A 113 -7.45 9.10 -3.32
CA GLU A 113 -8.17 7.97 -3.96
C GLU A 113 -7.79 6.69 -3.23
N VAL A 114 -6.49 6.53 -2.99
CA VAL A 114 -5.98 5.39 -2.22
C VAL A 114 -6.54 5.34 -0.79
N ALA A 115 -6.49 6.48 -0.10
CA ALA A 115 -6.99 6.62 1.31
C ALA A 115 -8.48 6.35 1.52
N ARG A 116 -9.28 6.75 0.56
CA ARG A 116 -10.74 6.50 0.55
C ARG A 116 -11.12 5.09 1.06
N GLU A 117 -10.58 3.99 0.51
CA GLU A 117 -10.88 2.63 1.05
C GLU A 117 -10.05 2.17 2.22
N ALA A 118 -8.79 2.69 2.12
CA ALA A 118 -7.81 2.32 3.13
C ALA A 118 -8.34 2.78 4.48
N THR A 119 -8.91 3.97 4.53
CA THR A 119 -9.41 4.48 5.84
C THR A 119 -10.89 4.20 6.10
N ARG A 120 -11.58 3.64 5.10
CA ARG A 120 -13.04 3.56 5.11
C ARG A 120 -13.73 4.95 5.31
N GLY A 121 -13.10 6.03 4.86
CA GLY A 121 -13.56 7.41 5.09
C GLY A 121 -13.50 7.87 6.54
N LEU A 122 -12.86 7.13 7.44
CA LEU A 122 -12.77 7.52 8.87
C LEU A 122 -11.85 8.73 8.99
N LYS A 123 -12.40 9.79 9.56
CA LYS A 123 -11.73 11.04 9.82
C LYS A 123 -11.81 11.38 11.32
N PRO A 124 -10.75 11.93 11.88
CA PRO A 124 -10.74 12.46 13.26
C PRO A 124 -11.80 13.54 13.50
N ARG A 125 -12.41 13.52 14.66
CA ARG A 125 -13.32 14.60 15.11
C ARG A 125 -12.57 15.94 15.21
N LEU A 126 -11.35 15.85 15.75
CA LEU A 126 -10.42 16.98 15.84
C LEU A 126 -9.00 16.50 15.59
N THR A 127 -8.20 17.40 15.08
CA THR A 127 -6.82 17.13 14.82
C THR A 127 -5.97 18.31 15.32
N PHE A 128 -5.07 18.00 16.28
CA PHE A 128 -4.19 18.98 16.88
C PHE A 128 -2.91 19.09 16.12
N LEU A 129 -2.76 20.18 15.37
CA LEU A 129 -1.53 20.45 14.61
C LEU A 129 -0.62 21.29 15.45
N LEU A 130 0.53 20.74 15.87
CA LEU A 130 1.53 21.48 16.67
C LEU A 130 2.49 22.15 15.68
N ASP A 131 2.22 23.40 15.32
CA ASP A 131 2.91 24.04 14.21
C ASP A 131 4.16 24.73 14.68
N LEU A 132 5.25 24.57 13.94
CA LEU A 132 6.39 25.46 14.18
C LEU A 132 7.37 25.43 13.04
N PRO A 133 8.34 26.37 13.08
CA PRO A 133 9.15 26.48 11.88
C PRO A 133 10.04 25.26 11.73
N PRO A 134 10.29 24.84 10.49
CA PRO A 134 11.09 23.62 10.36
C PRO A 134 12.53 23.75 10.89
N GLU A 135 13.09 24.95 10.82
CA GLU A 135 14.44 25.14 11.40
C GLU A 135 14.35 24.83 12.85
N ALA A 136 13.29 25.32 13.49
CA ALA A 136 13.11 25.13 14.93
C ALA A 136 12.88 23.61 15.31
N ALA A 137 12.12 22.91 14.47
CA ALA A 137 11.87 21.49 14.67
C ALA A 137 13.16 20.66 14.61
N LEU A 138 13.92 20.89 13.56
CA LEU A 138 15.20 20.19 13.33
C LEU A 138 16.20 20.35 14.48
N ARG A 139 16.21 21.49 15.14
CA ARG A 139 17.13 21.65 16.29
C ARG A 139 16.68 20.89 17.51
N ARG A 140 15.38 20.65 17.68
CA ARG A 140 14.89 20.00 18.88
C ARG A 140 15.25 18.55 18.98
N VAL A 141 15.31 17.85 17.85
CA VAL A 141 15.48 16.42 17.80
C VAL A 141 15.95 15.99 16.42
N ARG A 142 16.91 15.05 16.36
CA ARG A 142 17.34 14.35 15.11
C ARG A 142 16.12 13.74 14.35
N ARG A 143 16.20 13.65 13.01
CA ARG A 143 15.06 13.11 12.21
C ARG A 143 14.92 11.56 12.32
N PRO A 144 13.71 11.00 12.00
CA PRO A 144 13.59 9.52 11.89
C PRO A 144 14.67 8.97 10.98
N ASP A 145 15.30 7.85 11.34
CA ASP A 145 16.22 7.12 10.45
C ASP A 145 15.71 7.14 8.98
N ARG A 146 14.41 6.85 8.80
CA ARG A 146 13.71 6.94 7.50
C ARG A 146 13.98 8.25 6.68
N LEU A 147 14.09 9.40 7.34
CA LEU A 147 14.16 10.73 6.68
C LEU A 147 15.56 11.42 6.62
N GLU A 148 16.65 10.63 6.46
CA GLU A 148 18.04 11.15 6.29
C GLU A 148 18.44 11.43 4.83
N GLY A 149 19.32 12.43 4.67
CA GLY A 149 19.64 13.02 3.37
C GLY A 149 18.79 14.26 3.19
N LEU A 150 17.46 14.06 3.30
CA LEU A 150 16.39 15.06 3.14
C LEU A 150 16.67 16.33 3.91
N GLY A 151 16.62 17.46 3.21
CA GLY A 151 17.14 18.72 3.72
C GLY A 151 16.07 19.61 4.28
N LEU A 152 16.50 20.79 4.72
CA LEU A 152 15.58 21.77 5.27
C LEU A 152 14.40 22.04 4.36
N GLU A 153 14.63 22.11 3.05
CA GLU A 153 13.53 22.51 2.15
C GLU A 153 12.41 21.45 2.10
N PHE A 154 12.78 20.20 2.35
CA PHE A 154 11.77 19.14 2.44
C PHE A 154 10.80 19.45 3.59
N PHE A 155 11.39 19.70 4.73
CA PHE A 155 10.64 19.94 5.95
C PHE A 155 9.83 21.20 5.89
N ARG A 156 10.30 22.20 5.15
CA ARG A 156 9.49 23.37 4.88
C ARG A 156 8.24 23.05 4.08
N ARG A 157 8.40 22.27 3.00
CA ARG A 157 7.24 21.86 2.24
C ARG A 157 6.25 21.05 3.13
N VAL A 158 6.76 20.18 4.02
CA VAL A 158 5.86 19.45 4.94
C VAL A 158 5.07 20.42 5.85
N ARG A 159 5.78 21.37 6.45
CA ARG A 159 5.21 22.32 7.42
C ARG A 159 4.16 23.13 6.73
N GLU A 160 4.48 23.62 5.53
CA GLU A 160 3.49 24.38 4.77
C GLU A 160 2.30 23.54 4.33
N GLY A 161 2.55 22.26 4.01
CA GLY A 161 1.48 21.36 3.60
C GLY A 161 0.48 21.12 4.72
N TYR A 162 1.00 20.82 5.89
CA TYR A 162 0.14 20.73 7.07
C TYR A 162 -0.72 21.98 7.18
N LEU A 163 -0.12 23.17 7.03
CA LEU A 163 -0.91 24.41 7.13
C LEU A 163 -1.95 24.55 6.03
N ALA A 164 -1.63 24.13 4.83
CA ALA A 164 -2.63 24.10 3.74
C ALA A 164 -3.81 23.11 4.06
N LEU A 165 -3.48 21.95 4.67
CA LEU A 165 -4.52 21.02 5.07
C LEU A 165 -5.44 21.68 6.12
N ALA A 166 -4.84 22.41 7.04
CA ALA A 166 -5.60 23.03 8.11
C ALA A 166 -6.49 24.12 7.54
N ARG A 167 -5.97 24.86 6.55
CA ARG A 167 -6.83 25.87 5.90
C ARG A 167 -8.07 25.27 5.20
N ALA A 168 -7.92 24.10 4.56
CA ALA A 168 -9.03 23.47 3.83
C ALA A 168 -10.03 22.85 4.76
N GLU A 169 -9.58 22.44 5.97
CA GLU A 169 -10.47 21.78 6.91
C GLU A 169 -10.38 22.47 8.29
N PRO A 170 -10.84 23.73 8.36
CA PRO A 170 -10.64 24.54 9.54
C PRO A 170 -11.45 24.15 10.75
N GLY A 171 -12.56 23.42 10.53
CA GLY A 171 -13.34 22.88 11.61
C GLY A 171 -12.62 21.74 12.29
N ARG A 172 -12.06 20.86 11.47
CA ARG A 172 -11.28 19.71 12.03
C ARG A 172 -9.90 20.03 12.69
N PHE A 173 -9.12 20.87 12.06
CA PHE A 173 -7.80 21.25 12.50
C PHE A 173 -7.82 22.34 13.59
N VAL A 174 -7.09 22.04 14.64
CA VAL A 174 -6.81 22.99 15.72
C VAL A 174 -5.32 23.22 15.61
N VAL A 175 -4.98 24.40 15.08
CA VAL A 175 -3.58 24.75 14.85
C VAL A 175 -3.09 25.47 16.09
N LEU A 176 -2.02 24.95 16.68
CA LEU A 176 -1.39 25.47 17.92
C LEU A 176 0.06 25.86 17.68
N ASP A 177 0.50 26.97 18.27
CA ASP A 177 1.92 27.34 18.21
C ASP A 177 2.76 26.46 19.12
N ALA A 178 3.59 25.61 18.52
CA ALA A 178 4.42 24.68 19.24
C ALA A 178 5.63 25.34 19.95
N THR A 179 5.79 26.65 19.82
CA THR A 179 6.78 27.40 20.66
C THR A 179 6.14 28.04 21.86
N LEU A 180 4.86 27.77 22.10
CA LEU A 180 4.26 28.07 23.39
C LEU A 180 4.80 27.11 24.46
N PRO A 181 4.74 27.50 25.74
CA PRO A 181 5.15 26.54 26.79
C PRO A 181 4.31 25.26 26.80
N GLU A 182 4.94 24.17 27.17
CA GLU A 182 4.26 22.86 27.12
C GLU A 182 2.94 22.85 27.86
N GLU A 183 2.86 23.55 29.02
CA GLU A 183 1.68 23.51 29.85
C GLU A 183 0.57 24.25 29.12
N GLU A 184 0.94 25.29 28.42
CA GLU A 184 0.01 26.14 27.68
C GLU A 184 -0.63 25.37 26.51
N ILE A 185 0.17 24.55 25.84
CA ILE A 185 -0.33 23.70 24.75
C ILE A 185 -1.27 22.65 25.33
N ALA A 186 -0.86 22.03 26.44
CA ALA A 186 -1.73 21.04 27.10
C ALA A 186 -3.05 21.67 27.54
N ARG A 187 -2.97 22.87 28.14
CA ARG A 187 -4.18 23.62 28.49
C ARG A 187 -5.13 23.90 27.32
N ALA A 188 -4.56 24.34 26.21
CA ALA A 188 -5.36 24.61 25.01
C ALA A 188 -6.02 23.36 24.43
N ILE A 189 -5.25 22.27 24.28
CA ILE A 189 -5.78 20.97 23.83
C ILE A 189 -6.99 20.53 24.68
N GLN A 190 -6.79 20.57 25.99
CA GLN A 190 -7.85 20.23 26.93
C GLN A 190 -9.10 21.18 26.85
N ALA A 191 -8.89 22.46 26.66
CA ALA A 191 -9.97 23.45 26.44
C ALA A 191 -10.77 23.11 25.18
N HIS A 192 -10.08 22.73 24.10
CA HIS A 192 -10.78 22.32 22.87
C HIS A 192 -11.62 21.08 23.06
N LEU A 193 -11.15 20.21 23.93
CA LEU A 193 -11.84 18.94 24.13
C LEU A 193 -12.94 18.95 25.16
N ARG A 194 -12.95 19.94 26.07
CA ARG A 194 -13.90 19.98 27.19
C ARG A 194 -15.37 19.82 26.76
N PRO A 195 -15.85 20.53 25.71
CA PRO A 195 -17.28 20.34 25.43
C PRO A 195 -17.55 18.99 24.79
N LEU A 196 -16.56 18.32 24.20
CA LEU A 196 -16.74 17.01 23.65
C LEU A 196 -16.59 15.95 24.76
N LEU A 197 -15.75 16.23 25.77
CA LEU A 197 -15.55 15.26 26.85
C LEU A 197 -15.55 15.98 28.22
N PRO A 198 -16.67 16.50 28.72
CA PRO A 198 -18.05 16.30 28.28
C PRO A 198 -18.41 16.44 26.83
N PRO B 2 14.08 -4.87 -28.84
CA PRO B 2 13.81 -4.18 -27.58
C PRO B 2 13.46 -5.18 -26.46
N GLY B 3 13.19 -4.68 -25.26
CA GLY B 3 12.77 -5.59 -24.18
C GLY B 3 11.34 -6.06 -24.43
N LEU B 4 10.92 -7.09 -23.74
CA LEU B 4 9.59 -7.59 -23.90
C LEU B 4 9.03 -8.07 -22.56
N PHE B 5 7.85 -7.54 -22.20
CA PHE B 5 7.25 -7.83 -20.92
C PHE B 5 6.13 -8.86 -21.07
N LEU B 6 6.29 -10.00 -20.42
CA LEU B 6 5.34 -11.08 -20.45
C LEU B 6 4.94 -11.50 -19.07
N THR B 7 3.68 -11.89 -18.93
CA THR B 7 3.24 -12.43 -17.66
C THR B 7 2.50 -13.72 -17.80
N LEU B 8 2.46 -14.47 -16.68
CA LEU B 8 1.64 -15.66 -16.56
C LEU B 8 0.72 -15.54 -15.38
N GLU B 9 -0.50 -16.06 -15.55
CA GLU B 9 -1.56 -15.89 -14.64
C GLU B 9 -2.38 -17.18 -14.55
N GLY B 10 -3.06 -17.30 -13.43
CA GLY B 10 -4.09 -18.34 -13.21
C GLY B 10 -4.06 -18.76 -11.72
N LEU B 11 -4.90 -19.73 -11.38
CA LEU B 11 -5.00 -20.28 -10.06
C LEU B 11 -3.71 -20.96 -9.74
N ASP B 12 -3.35 -21.00 -8.46
CA ASP B 12 -2.24 -21.90 -8.09
C ASP B 12 -2.64 -23.35 -8.48
N GLY B 13 -1.69 -24.10 -8.99
CA GLY B 13 -1.98 -25.40 -9.48
C GLY B 13 -2.45 -25.42 -10.91
N SER B 14 -2.42 -24.26 -11.62
CA SER B 14 -2.85 -24.19 -13.03
C SER B 14 -1.73 -24.56 -14.04
N GLY B 15 -0.50 -24.73 -13.54
CA GLY B 15 0.68 -24.91 -14.40
C GLY B 15 1.38 -23.60 -14.76
N LYS B 16 0.89 -22.49 -14.21
CA LYS B 16 1.40 -21.13 -14.50
C LYS B 16 2.90 -21.05 -14.16
N THR B 17 3.28 -21.57 -13.00
CA THR B 17 4.69 -21.49 -12.60
C THR B 17 5.58 -22.41 -13.47
N THR B 18 5.17 -23.65 -13.60
CA THR B 18 5.77 -24.59 -14.54
C THR B 18 6.00 -23.93 -15.93
N GLN B 19 4.99 -23.29 -16.49
CA GLN B 19 5.13 -22.75 -17.83
C GLN B 19 6.03 -21.54 -17.86
N ALA B 20 6.01 -20.76 -16.77
CA ALA B 20 6.86 -19.66 -16.62
C ALA B 20 8.31 -20.13 -16.70
N ARG B 21 8.63 -21.18 -15.97
CA ARG B 21 9.95 -21.71 -15.98
C ARG B 21 10.30 -22.35 -17.32
N ARG B 22 9.33 -23.01 -17.95
CA ARG B 22 9.56 -23.62 -19.30
C ARG B 22 9.96 -22.55 -20.31
N LEU B 23 9.23 -21.44 -20.24
CA LEU B 23 9.44 -20.36 -21.18
C LEU B 23 10.83 -19.77 -20.97
N ALA B 24 11.20 -19.49 -19.71
CA ALA B 24 12.55 -18.96 -19.44
C ALA B 24 13.60 -19.91 -19.96
N ALA B 25 13.48 -21.17 -19.66
CA ALA B 25 14.52 -22.13 -20.07
C ALA B 25 14.66 -22.20 -21.59
N PHE B 26 13.55 -22.13 -22.28
CA PHE B 26 13.50 -22.11 -23.74
C PHE B 26 14.22 -20.88 -24.26
N LEU B 27 13.92 -19.69 -23.70
CA LEU B 27 14.66 -18.49 -24.13
C LEU B 27 16.19 -18.56 -23.82
N GLU B 28 16.57 -19.06 -22.66
CA GLU B 28 17.97 -19.28 -22.31
C GLU B 28 18.65 -20.24 -23.27
N ALA B 29 17.97 -21.32 -23.64
CA ALA B 29 18.46 -22.27 -24.67
C ALA B 29 18.68 -21.61 -26.02
N GLN B 30 17.89 -20.62 -26.38
CA GLN B 30 18.11 -19.90 -27.59
C GLN B 30 19.17 -18.82 -27.44
N GLY B 31 19.76 -18.60 -26.28
CA GLY B 31 20.67 -17.41 -26.11
C GLY B 31 19.93 -16.05 -26.14
N ARG B 32 18.64 -16.05 -25.80
CA ARG B 32 17.92 -14.78 -25.67
C ARG B 32 17.94 -14.33 -24.20
N PRO B 33 18.47 -13.12 -23.92
CA PRO B 33 18.44 -12.59 -22.57
C PRO B 33 17.02 -12.60 -21.97
N VAL B 34 16.91 -13.16 -20.80
CA VAL B 34 15.64 -13.37 -20.14
C VAL B 34 15.82 -13.16 -18.65
N LEU B 35 14.85 -12.53 -18.03
CA LEU B 35 14.74 -12.36 -16.56
C LEU B 35 13.42 -12.99 -16.08
N LEU B 36 13.51 -14.03 -15.25
CA LEU B 36 12.33 -14.62 -14.66
C LEU B 36 12.13 -14.02 -13.25
N THR B 37 10.92 -13.51 -13.01
CA THR B 37 10.57 -12.92 -11.70
C THR B 37 9.13 -13.36 -11.33
N ARG B 38 8.64 -12.85 -10.21
CA ARG B 38 7.38 -13.31 -9.70
C ARG B 38 6.83 -12.30 -8.67
N GLU B 39 5.50 -12.29 -8.52
CA GLU B 39 4.81 -11.56 -7.48
C GLU B 39 3.93 -12.52 -6.68
N PRO B 40 3.73 -12.23 -5.36
CA PRO B 40 4.50 -11.25 -4.61
C PRO B 40 5.98 -11.61 -4.28
N GLY B 41 6.74 -10.57 -3.96
CA GLY B 41 8.11 -10.72 -3.47
C GLY B 41 9.20 -10.18 -4.39
N GLY B 42 8.87 -9.93 -5.65
CA GLY B 42 9.86 -9.53 -6.60
C GLY B 42 10.35 -8.11 -6.35
N GLY B 43 9.54 -7.30 -5.68
CA GLY B 43 9.95 -5.94 -5.34
C GLY B 43 10.47 -5.82 -3.93
N LEU B 44 9.68 -6.26 -2.97
CA LEU B 44 10.00 -6.24 -1.52
C LEU B 44 9.82 -7.63 -1.02
N PRO B 45 10.90 -8.44 -0.92
CA PRO B 45 10.75 -9.85 -0.46
C PRO B 45 10.08 -9.97 0.93
N GLU B 46 10.34 -9.00 1.79
CA GLU B 46 9.79 -9.02 3.15
C GLU B 46 8.24 -8.97 3.14
N VAL B 47 7.62 -8.46 2.07
CA VAL B 47 6.16 -8.51 1.91
C VAL B 47 5.64 -9.95 1.80
N ARG B 48 6.43 -10.84 1.21
CA ARG B 48 6.08 -12.26 1.08
C ARG B 48 6.08 -12.91 2.47
N SER B 49 7.25 -12.89 3.13
CA SER B 49 7.45 -13.39 4.52
C SER B 49 6.30 -12.99 5.45
N LEU B 50 6.16 -11.68 5.65
CA LEU B 50 5.06 -11.05 6.41
C LEU B 50 3.64 -11.49 6.08
N LEU B 51 3.31 -11.55 4.78
CA LEU B 51 1.92 -11.68 4.26
C LEU B 51 0.99 -12.50 5.16
N LEU B 52 1.48 -13.65 5.64
CA LEU B 52 0.84 -14.52 6.68
C LEU B 52 0.45 -13.86 8.04
N THR B 53 -0.31 -12.76 8.01
CA THR B 53 -0.64 -11.96 9.22
C THR B 53 -2.10 -12.25 9.61
N GLN B 54 -2.36 -12.35 10.92
CA GLN B 54 -3.64 -12.92 11.42
C GLN B 54 -4.86 -12.07 11.02
N GLU B 55 -5.69 -12.62 10.12
CA GLU B 55 -6.95 -11.99 9.67
C GLU B 55 -6.73 -10.64 8.92
N LEU B 56 -5.54 -10.50 8.25
CA LEU B 56 -5.18 -9.31 7.43
C LEU B 56 -6.32 -8.81 6.52
N SER B 57 -6.73 -7.54 6.65
CA SER B 57 -7.79 -7.06 5.78
C SER B 57 -7.40 -7.19 4.32
N PRO B 58 -8.39 -7.43 3.44
CA PRO B 58 -8.12 -7.49 1.99
C PRO B 58 -7.57 -6.15 1.44
N GLU B 59 -8.06 -5.04 1.98
CA GLU B 59 -7.55 -3.72 1.60
C GLU B 59 -6.05 -3.66 1.94
N ALA B 60 -5.68 -3.98 3.17
CA ALA B 60 -4.27 -3.92 3.54
C ALA B 60 -3.40 -4.85 2.72
N GLU B 61 -3.94 -6.02 2.43
CA GLU B 61 -3.27 -7.04 1.61
C GLU B 61 -2.95 -6.49 0.24
N TYR B 62 -3.96 -5.96 -0.43
CA TYR B 62 -3.77 -5.33 -1.72
C TYR B 62 -2.79 -4.20 -1.69
N LEU B 63 -2.89 -3.36 -0.67
CA LEU B 63 -1.90 -2.28 -0.53
C LEU B 63 -0.46 -2.75 -0.36
N LEU B 64 -0.26 -3.82 0.39
CA LEU B 64 1.04 -4.41 0.51
C LEU B 64 1.52 -5.02 -0.81
N PHE B 65 0.68 -5.79 -1.50
CA PHE B 65 0.99 -6.31 -2.85
C PHE B 65 1.45 -5.15 -3.72
N SER B 66 0.76 -4.00 -3.58
CA SER B 66 0.97 -2.86 -4.43
C SER B 66 2.27 -2.19 -4.16
N ALA B 67 2.71 -2.15 -2.86
CA ALA B 67 4.00 -1.63 -2.52
C ALA B 67 5.08 -2.53 -3.12
N ASP B 68 4.88 -3.81 -2.98
CA ASP B 68 5.76 -4.80 -3.59
C ASP B 68 5.82 -4.59 -5.10
N ARG B 69 4.66 -4.45 -5.74
CA ARG B 69 4.59 -4.27 -7.16
C ARG B 69 5.24 -2.95 -7.61
N ALA B 70 5.07 -1.86 -6.84
CA ALA B 70 5.72 -0.61 -7.19
C ALA B 70 7.26 -0.76 -7.23
N GLU B 71 7.85 -1.45 -6.26
CA GLU B 71 9.30 -1.60 -6.23
C GLU B 71 9.74 -2.60 -7.35
N HIS B 72 8.90 -3.59 -7.61
CA HIS B 72 9.14 -4.60 -8.66
C HIS B 72 9.28 -3.96 -10.04
N VAL B 73 8.28 -3.16 -10.38
CA VAL B 73 8.28 -2.41 -11.66
C VAL B 73 9.56 -1.49 -11.75
N ARG B 74 9.85 -0.75 -10.69
CA ARG B 74 10.89 0.28 -10.75
C ARG B 74 12.30 -0.27 -10.71
N LYS B 75 12.52 -1.27 -9.87
CA LYS B 75 13.83 -1.76 -9.57
C LYS B 75 14.16 -3.02 -10.35
N VAL B 76 13.17 -3.75 -10.89
CA VAL B 76 13.47 -5.03 -11.48
C VAL B 76 13.00 -5.05 -12.93
N ILE B 77 11.71 -4.81 -13.16
CA ILE B 77 11.14 -5.03 -14.49
C ILE B 77 11.62 -3.94 -15.43
N LEU B 78 11.46 -2.68 -15.10
CA LEU B 78 11.87 -1.60 -16.05
C LEU B 78 13.34 -1.64 -16.42
N PRO B 79 14.24 -1.91 -15.45
CA PRO B 79 15.63 -2.06 -15.84
C PRO B 79 15.85 -3.24 -16.76
N GLY B 80 15.15 -4.36 -16.52
CA GLY B 80 15.29 -5.53 -17.34
C GLY B 80 14.90 -5.23 -18.78
N LEU B 81 13.78 -4.51 -18.92
CA LEU B 81 13.25 -4.20 -20.22
C LEU B 81 14.17 -3.18 -20.90
N ALA B 82 14.72 -2.28 -20.13
CA ALA B 82 15.68 -1.28 -20.71
C ALA B 82 16.97 -2.01 -21.18
N ALA B 83 17.35 -3.12 -20.55
CA ALA B 83 18.46 -3.94 -21.00
C ALA B 83 18.14 -4.80 -22.25
N GLY B 84 16.89 -4.83 -22.74
CA GLY B 84 16.49 -5.57 -23.91
C GLY B 84 16.14 -7.01 -23.56
N LYS B 85 15.92 -7.27 -22.29
CA LYS B 85 15.53 -8.60 -21.83
C LYS B 85 14.06 -8.92 -22.10
N VAL B 86 13.78 -10.22 -22.23
CA VAL B 86 12.43 -10.71 -22.05
C VAL B 86 12.25 -10.86 -20.55
N VAL B 87 11.44 -9.99 -19.97
CA VAL B 87 11.08 -10.09 -18.56
C VAL B 87 9.77 -10.84 -18.38
N ILE B 88 9.83 -11.97 -17.65
CA ILE B 88 8.69 -12.85 -17.41
C ILE B 88 8.34 -12.77 -15.95
N SER B 89 7.14 -12.27 -15.64
CA SER B 89 6.64 -12.26 -14.27
C SER B 89 5.56 -13.31 -14.05
N ASP B 90 5.86 -14.25 -13.16
CA ASP B 90 4.89 -15.20 -12.65
C ASP B 90 3.97 -14.45 -11.67
N ARG B 91 2.78 -14.12 -12.15
CA ARG B 91 1.80 -13.18 -11.55
C ARG B 91 2.18 -11.68 -11.71
N TYR B 92 1.14 -10.83 -11.96
CA TYR B 92 1.32 -9.37 -12.03
C TYR B 92 -0.05 -8.73 -11.59
N LEU B 93 -0.38 -7.54 -12.06
CA LEU B 93 -1.57 -6.82 -11.57
C LEU B 93 -2.83 -7.68 -11.64
N ASP B 94 -3.01 -8.40 -12.76
CA ASP B 94 -4.21 -9.26 -12.98
C ASP B 94 -4.46 -10.18 -11.79
N SER B 95 -3.42 -10.74 -11.18
CA SER B 95 -3.60 -11.55 -10.00
C SER B 95 -4.35 -10.80 -8.89
N SER B 96 -3.98 -9.56 -8.62
CA SER B 96 -4.58 -8.76 -7.53
C SER B 96 -5.99 -8.46 -7.95
N LEU B 97 -6.22 -8.17 -9.26
CA LEU B 97 -7.59 -7.85 -9.73
C LEU B 97 -8.54 -9.04 -9.62
N ALA B 98 -8.03 -10.21 -10.03
CA ALA B 98 -8.74 -11.44 -9.92
C ALA B 98 -9.07 -11.87 -8.48
N TYR B 99 -8.05 -11.89 -7.62
CA TYR B 99 -8.16 -12.43 -6.30
C TYR B 99 -8.80 -11.42 -5.33
N GLN B 100 -8.23 -10.21 -5.28
CA GLN B 100 -8.74 -9.20 -4.33
C GLN B 100 -10.06 -8.55 -4.85
N GLY B 101 -10.17 -8.37 -6.17
CA GLY B 101 -11.32 -7.71 -6.78
C GLY B 101 -12.49 -8.63 -6.93
N TYR B 102 -12.49 -9.47 -7.97
CA TYR B 102 -13.54 -10.46 -8.18
C TYR B 102 -13.65 -11.44 -7.03
N GLY B 103 -12.53 -11.88 -6.45
CA GLY B 103 -12.61 -12.91 -5.41
C GLY B 103 -13.13 -12.39 -4.07
N ARG B 104 -12.37 -11.46 -3.47
CA ARG B 104 -12.68 -10.90 -2.13
C ARG B 104 -13.66 -9.74 -2.17
N GLY B 105 -13.93 -9.21 -3.35
CA GLY B 105 -14.97 -8.23 -3.53
C GLY B 105 -14.55 -6.78 -3.39
N LEU B 106 -13.25 -6.46 -3.49
CA LEU B 106 -12.85 -5.11 -3.41
C LEU B 106 -13.24 -4.40 -4.71
N PRO B 107 -13.54 -3.12 -4.61
CA PRO B 107 -14.00 -2.42 -5.76
C PRO B 107 -12.95 -2.22 -6.83
N LEU B 108 -13.28 -2.65 -8.04
CA LEU B 108 -12.34 -2.65 -9.13
C LEU B 108 -11.82 -1.26 -9.53
N PRO B 109 -12.70 -0.26 -9.63
CA PRO B 109 -12.13 1.03 -9.95
C PRO B 109 -11.09 1.49 -8.89
N TRP B 110 -11.33 1.22 -7.63
CA TRP B 110 -10.33 1.57 -6.64
C TRP B 110 -9.01 0.82 -6.89
N LEU B 111 -9.12 -0.48 -7.11
CA LEU B 111 -7.93 -1.30 -7.38
C LEU B 111 -7.12 -0.70 -8.50
N ARG B 112 -7.78 -0.29 -9.57
CA ARG B 112 -7.04 0.32 -10.69
C ARG B 112 -6.50 1.72 -10.45
N GLU B 113 -7.18 2.50 -9.61
CA GLU B 113 -6.66 3.85 -9.17
C GLU B 113 -5.33 3.67 -8.46
N VAL B 114 -5.32 2.78 -7.48
CA VAL B 114 -4.13 2.41 -6.76
C VAL B 114 -3.00 1.97 -7.73
N ALA B 115 -3.34 1.07 -8.66
CA ALA B 115 -2.37 0.49 -9.62
C ALA B 115 -1.75 1.47 -10.59
N ARG B 116 -2.50 2.48 -10.98
CA ARG B 116 -2.03 3.38 -12.03
C ARG B 116 -0.64 3.96 -11.66
N GLU B 117 -0.45 4.41 -10.42
CA GLU B 117 0.86 4.93 -9.99
C GLU B 117 1.89 3.85 -9.56
N ALA B 118 1.26 2.83 -8.96
CA ALA B 118 2.04 1.67 -8.55
C ALA B 118 2.80 1.05 -9.74
N THR B 119 2.10 0.87 -10.83
CA THR B 119 2.70 0.24 -12.03
C THR B 119 3.28 1.26 -13.00
N ARG B 120 3.14 2.57 -12.73
CA ARG B 120 3.48 3.61 -13.72
C ARG B 120 2.79 3.33 -15.09
N GLY B 121 1.66 2.64 -15.12
CA GLY B 121 1.01 2.30 -16.39
C GLY B 121 1.68 1.15 -17.18
N LEU B 122 2.66 0.46 -16.60
CA LEU B 122 3.29 -0.65 -17.36
C LEU B 122 2.36 -1.88 -17.44
N LYS B 123 2.04 -2.25 -18.64
CA LYS B 123 1.24 -3.38 -18.91
C LYS B 123 2.05 -4.43 -19.66
N PRO B 124 1.81 -5.70 -19.41
CA PRO B 124 2.43 -6.75 -20.25
C PRO B 124 1.98 -6.73 -21.72
N ARG B 125 2.91 -7.03 -22.62
CA ARG B 125 2.65 -7.19 -24.06
C ARG B 125 1.72 -8.38 -24.31
N LEU B 126 1.95 -9.48 -23.58
CA LEU B 126 1.07 -10.63 -23.53
C LEU B 126 1.03 -11.22 -22.14
N THR B 127 -0.10 -11.87 -21.85
CA THR B 127 -0.38 -12.45 -20.58
C THR B 127 -1.00 -13.76 -20.84
N PHE B 128 -0.29 -14.83 -20.44
CA PHE B 128 -0.75 -16.15 -20.66
C PHE B 128 -1.56 -16.58 -19.45
N LEU B 129 -2.84 -16.84 -19.67
CA LEU B 129 -3.77 -17.25 -18.64
C LEU B 129 -3.98 -18.75 -18.71
N LEU B 130 -3.51 -19.45 -17.69
CA LEU B 130 -3.68 -20.86 -17.62
C LEU B 130 -5.05 -21.13 -16.93
N ASP B 131 -6.06 -21.34 -17.74
CA ASP B 131 -7.45 -21.38 -17.23
C ASP B 131 -7.83 -22.79 -16.91
N LEU B 132 -8.31 -22.99 -15.69
CA LEU B 132 -8.97 -24.23 -15.40
C LEU B 132 -9.86 -24.15 -14.17
N PRO B 133 -10.75 -25.13 -14.02
CA PRO B 133 -11.66 -25.07 -12.86
C PRO B 133 -10.90 -25.29 -11.54
N PRO B 134 -11.37 -24.68 -10.46
CA PRO B 134 -10.66 -24.80 -9.16
C PRO B 134 -10.40 -26.23 -8.72
N GLU B 135 -11.38 -27.07 -9.01
CA GLU B 135 -11.32 -28.46 -8.59
C GLU B 135 -10.12 -29.12 -9.18
N ALA B 136 -9.85 -28.80 -10.44
CA ALA B 136 -8.66 -29.36 -11.08
C ALA B 136 -7.37 -28.77 -10.49
N ALA B 137 -7.42 -27.47 -10.15
CA ALA B 137 -6.27 -26.77 -9.57
C ALA B 137 -5.99 -27.27 -8.17
N LEU B 138 -7.04 -27.34 -7.36
CA LEU B 138 -6.95 -27.87 -6.00
C LEU B 138 -6.45 -29.33 -5.98
N ARG B 139 -6.97 -30.17 -6.89
CA ARG B 139 -6.40 -31.50 -7.14
C ARG B 139 -4.85 -31.40 -7.10
N ARG B 140 -4.27 -30.43 -7.82
CA ARG B 140 -2.81 -30.30 -7.99
C ARG B 140 -2.02 -29.61 -6.89
N VAL B 141 -2.63 -28.65 -6.19
CA VAL B 141 -2.00 -27.99 -5.05
C VAL B 141 -3.05 -27.75 -4.00
N LEU B 150 -11.04 -20.46 3.01
CA LEU B 150 -11.53 -20.03 1.69
C LEU B 150 -12.13 -21.16 0.82
N GLY B 151 -13.43 -21.06 0.53
CA GLY B 151 -14.12 -22.10 -0.25
C GLY B 151 -13.86 -22.23 -1.76
N LEU B 152 -14.42 -23.28 -2.32
CA LEU B 152 -14.54 -23.45 -3.75
C LEU B 152 -15.21 -22.27 -4.44
N GLU B 153 -16.16 -21.62 -3.78
CA GLU B 153 -16.91 -20.54 -4.43
C GLU B 153 -16.00 -19.33 -4.71
N PHE B 154 -15.10 -19.09 -3.77
CA PHE B 154 -14.07 -18.07 -3.87
C PHE B 154 -13.20 -18.33 -5.10
N PHE B 155 -12.63 -19.51 -5.19
CA PHE B 155 -11.79 -19.82 -6.32
C PHE B 155 -12.52 -19.71 -7.65
N ARG B 156 -13.82 -20.02 -7.67
CA ARG B 156 -14.61 -19.87 -8.88
C ARG B 156 -14.76 -18.44 -9.28
N ARG B 157 -14.97 -17.60 -8.29
CA ARG B 157 -15.05 -16.18 -8.51
C ARG B 157 -13.72 -15.69 -9.09
N VAL B 158 -12.61 -16.18 -8.57
CA VAL B 158 -11.30 -15.78 -9.10
C VAL B 158 -11.14 -16.25 -10.54
N ARG B 159 -11.43 -17.52 -10.79
CA ARG B 159 -11.30 -18.05 -12.15
C ARG B 159 -12.13 -17.24 -13.11
N GLU B 160 -13.42 -17.02 -12.79
CA GLU B 160 -14.31 -16.23 -13.64
C GLU B 160 -13.86 -14.76 -13.85
N GLY B 161 -13.30 -14.17 -12.79
CA GLY B 161 -12.70 -12.83 -12.91
C GLY B 161 -11.58 -12.80 -13.94
N TYR B 162 -10.71 -13.78 -13.87
CA TYR B 162 -9.65 -13.89 -14.86
C TYR B 162 -10.24 -13.86 -16.29
N LEU B 163 -11.29 -14.66 -16.51
CA LEU B 163 -11.94 -14.76 -17.85
C LEU B 163 -12.60 -13.45 -18.23
N ALA B 164 -13.12 -12.70 -17.25
CA ALA B 164 -13.68 -11.37 -17.51
C ALA B 164 -12.60 -10.36 -17.90
N LEU B 165 -11.46 -10.41 -17.25
CA LEU B 165 -10.31 -9.60 -17.60
C LEU B 165 -9.88 -9.89 -19.03
N ALA B 166 -9.79 -11.18 -19.32
CA ALA B 166 -9.35 -11.63 -20.66
C ALA B 166 -10.30 -11.18 -21.75
N ARG B 167 -11.63 -11.30 -21.49
CA ARG B 167 -12.62 -10.76 -22.42
C ARG B 167 -12.55 -9.27 -22.63
N ALA B 168 -12.31 -8.51 -21.55
CA ALA B 168 -12.09 -7.04 -21.69
C ALA B 168 -10.83 -6.68 -22.44
N GLU B 169 -9.75 -7.46 -22.32
CA GLU B 169 -8.47 -7.17 -22.97
C GLU B 169 -8.04 -8.39 -23.80
N PRO B 170 -8.78 -8.65 -24.89
CA PRO B 170 -8.51 -9.86 -25.60
C PRO B 170 -7.19 -9.95 -26.36
N GLY B 171 -6.63 -8.83 -26.78
CA GLY B 171 -5.37 -8.78 -27.46
C GLY B 171 -4.19 -9.17 -26.54
N ARG B 172 -4.27 -8.77 -25.31
CA ARG B 172 -3.26 -9.01 -24.35
C ARG B 172 -3.33 -10.40 -23.72
N PHE B 173 -4.53 -10.88 -23.44
CA PHE B 173 -4.74 -12.22 -22.85
C PHE B 173 -4.79 -13.30 -23.93
N VAL B 174 -3.96 -14.32 -23.69
CA VAL B 174 -3.90 -15.53 -24.43
C VAL B 174 -4.41 -16.55 -23.45
N VAL B 175 -5.69 -16.90 -23.60
CA VAL B 175 -6.36 -17.86 -22.69
C VAL B 175 -6.04 -19.30 -23.14
N LEU B 176 -5.43 -20.11 -22.27
CA LEU B 176 -5.07 -21.48 -22.60
C LEU B 176 -5.79 -22.41 -21.66
N ASP B 177 -6.17 -23.56 -22.19
CA ASP B 177 -6.83 -24.59 -21.41
C ASP B 177 -5.70 -25.34 -20.70
N ALA B 178 -5.61 -25.10 -19.42
CA ALA B 178 -4.54 -25.59 -18.60
C ALA B 178 -4.63 -27.07 -18.29
N THR B 179 -5.72 -27.75 -18.68
CA THR B 179 -5.82 -29.22 -18.55
C THR B 179 -5.16 -29.90 -19.74
N LEU B 180 -4.79 -29.16 -20.79
CA LEU B 180 -4.03 -29.78 -21.86
C LEU B 180 -2.67 -30.27 -21.35
N PRO B 181 -2.02 -31.18 -22.09
CA PRO B 181 -0.70 -31.59 -21.69
C PRO B 181 0.28 -30.41 -21.70
N GLU B 182 1.14 -30.38 -20.68
CA GLU B 182 2.20 -29.38 -20.53
C GLU B 182 2.90 -29.08 -21.84
N GLU B 183 3.28 -30.12 -22.59
CA GLU B 183 4.06 -29.90 -23.78
C GLU B 183 3.25 -29.09 -24.80
N GLU B 184 1.97 -29.42 -24.94
CA GLU B 184 1.14 -28.73 -25.89
C GLU B 184 0.94 -27.26 -25.48
N ILE B 185 0.79 -27.02 -24.19
CA ILE B 185 0.74 -25.65 -23.66
C ILE B 185 2.04 -24.92 -23.95
N ALA B 186 3.20 -25.54 -23.62
CA ALA B 186 4.53 -24.91 -23.87
C ALA B 186 4.70 -24.54 -25.37
N ARG B 187 4.37 -25.50 -26.24
CA ARG B 187 4.45 -25.25 -27.67
C ARG B 187 3.57 -24.07 -28.12
N ALA B 188 2.32 -24.05 -27.63
CA ALA B 188 1.40 -22.91 -27.86
C ALA B 188 2.03 -21.58 -27.43
N ILE B 189 2.56 -21.53 -26.21
CA ILE B 189 3.16 -20.32 -25.66
C ILE B 189 4.30 -19.88 -26.53
N GLN B 190 5.14 -20.83 -26.94
CA GLN B 190 6.28 -20.49 -27.84
C GLN B 190 5.80 -19.90 -29.20
N ALA B 191 4.73 -20.49 -29.76
CA ALA B 191 4.12 -20.02 -31.02
C ALA B 191 3.57 -18.60 -30.90
N HIS B 192 2.94 -18.31 -29.76
CA HIS B 192 2.46 -16.94 -29.54
C HIS B 192 3.59 -15.93 -29.47
N LEU B 193 4.72 -16.37 -28.91
CA LEU B 193 5.89 -15.50 -28.70
C LEU B 193 6.73 -15.31 -29.97
N ARG B 194 6.89 -16.36 -30.77
CA ARG B 194 7.75 -16.37 -31.95
C ARG B 194 7.81 -15.08 -32.75
N PRO B 195 6.66 -14.50 -33.12
CA PRO B 195 6.73 -13.25 -33.94
C PRO B 195 7.16 -12.02 -33.19
N LEU B 196 7.12 -12.05 -31.87
CA LEU B 196 7.59 -10.95 -31.06
C LEU B 196 9.10 -10.86 -30.88
N LEU B 197 9.83 -11.89 -31.25
CA LEU B 197 11.27 -11.92 -30.97
C LEU B 197 12.07 -11.61 -32.27
N PRO B 198 13.01 -10.66 -32.30
CA PRO B 198 13.50 -9.90 -31.13
C PRO B 198 12.59 -8.77 -30.62
MG MG C . -6.66 27.49 20.06
MG MG D . -3.75 6.00 3.16
MG MG E . -4.45 13.55 11.52
MG MG F . -2.12 17.23 25.87
MG MG G . 7.08 15.04 21.43
CL CL H . 13.00 27.97 18.77
CL CL I . -8.66 12.65 7.64
CL CL J . -13.52 21.10 8.53
CL CL K . 7.01 15.24 18.44
C1 EDO L . 7.68 22.70 24.66
O1 EDO L . 8.28 21.81 23.70
C2 EDO L . 6.24 23.08 24.30
O2 EDO L . 5.89 23.33 22.91
C1 EDO M . -7.09 27.73 14.80
O1 EDO M . -6.99 26.41 14.27
C2 EDO M . -7.75 27.66 16.19
O2 EDO M . -9.16 27.70 15.92
MG MG N . 21.68 -5.37 -22.40
MG MG O . -4.86 -4.29 -23.17
MG MG P . -0.59 -10.36 -15.61
MG MG Q . -1.31 -2.55 -7.66
MG MG R . -9.11 -18.47 -15.17
CL CL S . -6.38 -6.00 -25.32
CL CL T . 0.78 -22.70 -10.60
CL CL U . -1.87 -4.91 -16.62
C1 EDO V . -15.18 -24.99 -17.75
O1 EDO V . -13.99 -25.48 -18.30
C2 EDO V . -15.49 -25.93 -16.62
O2 EDO V . -15.91 -25.29 -15.46
#